data_3V5Y
#
_entry.id   3V5Y
#
_cell.length_a   76.257
_cell.length_b   54.373
_cell.length_c   78.215
_cell.angle_alpha   90.000
_cell.angle_beta   90.020
_cell.angle_gamma   90.000
#
_symmetry.space_group_name_H-M   'P 1 21 1'
#
loop_
_entity.id
_entity.type
_entity.pdbx_description
1 polymer 'F-box/LRR-repeat protein 5'
2 non-polymer MU-OXO-DIIRON
3 water water
#
_entity_poly.entity_id   1
_entity_poly.type   'polypeptide(L)'
_entity_poly.pdbx_seq_one_letter_code
;MAPFPEEVDVFTAPHWRMKQLVGLYCDKLSKTNFSNNNDFRALLQSLYATFKEFKMHEQIENEYIIGLLQQRSQTIYNVH
SDNKLSEMLSLFEKGLKNVKNEYEQLNYAKQLKERLEAFTRDFLPHMKEEEEVFQPMLMEYFTYEELKDIKKKVIAQHCS
Q
;
_entity_poly.pdbx_strand_id   A,B,C,D
#
loop_
_chem_comp.id
_chem_comp.type
_chem_comp.name
_chem_comp.formula
FEO non-polymer MU-OXO-DIIRON 'Fe2 O'
#
# COMPACT_ATOMS: atom_id res chain seq x y z
N PRO A 5 20.60 -30.39 -25.88
CA PRO A 5 20.26 -30.32 -27.31
C PRO A 5 19.31 -29.16 -27.60
N GLU A 6 19.68 -28.36 -28.59
CA GLU A 6 18.98 -27.13 -28.88
C GLU A 6 17.49 -27.36 -29.06
N GLU A 7 17.14 -28.42 -29.78
CA GLU A 7 15.77 -28.57 -30.21
C GLU A 7 14.83 -29.05 -29.12
N VAL A 8 15.36 -29.29 -27.91
CA VAL A 8 14.49 -29.58 -26.75
C VAL A 8 14.59 -28.56 -25.61
N ASP A 9 15.29 -27.46 -25.86
CA ASP A 9 15.53 -26.46 -24.86
C ASP A 9 14.39 -25.43 -24.95
N VAL A 10 13.56 -25.37 -23.93
CA VAL A 10 12.33 -24.61 -24.03
C VAL A 10 12.51 -23.22 -23.38
N PHE A 11 13.71 -22.92 -22.88
CA PHE A 11 13.93 -21.70 -22.10
C PHE A 11 14.96 -20.72 -22.70
N THR A 12 15.97 -21.21 -23.41
CA THR A 12 17.11 -20.37 -23.74
C THR A 12 16.74 -19.23 -24.67
N ALA A 13 15.93 -19.47 -25.68
CA ALA A 13 15.67 -18.35 -26.61
C ALA A 13 14.66 -17.38 -25.99
N PRO A 14 13.60 -17.89 -25.37
CA PRO A 14 12.69 -17.00 -24.65
C PRO A 14 13.46 -16.14 -23.70
N HIS A 15 14.32 -16.74 -22.89
CA HIS A 15 15.07 -15.98 -21.91
C HIS A 15 16.11 -15.05 -22.52
N TRP A 16 16.63 -15.39 -23.70
CA TRP A 16 17.51 -14.47 -24.40
C TRP A 16 16.75 -13.16 -24.70
N ARG A 17 15.52 -13.26 -25.19
CA ARG A 17 14.65 -12.09 -25.44
C ARG A 17 14.32 -11.33 -24.14
N MET A 18 13.94 -12.04 -23.10
CA MET A 18 13.64 -11.35 -21.80
C MET A 18 14.85 -10.58 -21.25
N LYS A 19 16.03 -11.19 -21.27
CA LYS A 19 17.24 -10.46 -20.82
C LYS A 19 17.68 -9.30 -21.74
N GLN A 20 17.43 -9.42 -23.03
CA GLN A 20 17.62 -8.30 -23.93
C GLN A 20 16.67 -7.16 -23.49
N LEU A 21 15.42 -7.50 -23.20
CA LEU A 21 14.49 -6.50 -22.70
C LEU A 21 14.93 -5.86 -21.37
N VAL A 22 15.46 -6.67 -20.44
CA VAL A 22 15.97 -6.14 -19.18
C VAL A 22 17.12 -5.15 -19.44
N GLY A 23 18.05 -5.57 -20.28
CA GLY A 23 19.16 -4.71 -20.70
C GLY A 23 18.71 -3.38 -21.30
N LEU A 24 17.66 -3.40 -22.12
CA LEU A 24 17.14 -2.19 -22.74
C LEU A 24 16.49 -1.24 -21.72
N TYR A 25 15.65 -1.73 -20.83
CA TYR A 25 15.10 -0.84 -19.81
C TYR A 25 16.15 -0.39 -18.80
N CYS A 26 17.15 -1.22 -18.49
CA CYS A 26 18.17 -0.75 -17.57
C CYS A 26 18.88 0.41 -18.21
N ASP A 27 19.22 0.27 -19.50
CA ASP A 27 19.79 1.38 -20.28
C ASP A 27 18.88 2.61 -20.31
N LYS A 28 17.60 2.43 -20.65
CA LYS A 28 16.73 3.58 -20.78
C LYS A 28 16.63 4.34 -19.44
N LEU A 29 16.48 3.57 -18.37
CA LEU A 29 16.31 4.11 -17.03
C LEU A 29 17.52 4.94 -16.64
N SER A 30 18.71 4.42 -16.82
CA SER A 30 19.86 5.20 -16.40
C SER A 30 20.00 6.49 -17.22
N LYS A 31 19.40 6.55 -18.41
CA LYS A 31 19.58 7.72 -19.27
C LYS A 31 18.39 8.68 -19.21
N THR A 32 17.32 8.28 -18.53
CA THR A 32 16.13 9.11 -18.57
C THR A 32 16.25 10.36 -17.69
N ASN A 33 15.82 11.49 -18.22
CA ASN A 33 15.78 12.71 -17.43
C ASN A 33 14.41 12.80 -16.74
N PHE A 34 14.32 12.33 -15.49
CA PHE A 34 13.05 12.31 -14.74
C PHE A 34 12.42 13.68 -14.49
N SER A 35 13.19 14.76 -14.62
CA SER A 35 12.57 16.08 -14.58
C SER A 35 11.87 16.43 -15.89
N ASN A 36 12.17 15.73 -16.97
CA ASN A 36 11.53 16.02 -18.26
C ASN A 36 10.27 15.17 -18.49
N ASN A 37 9.12 15.80 -18.75
CA ASN A 37 7.85 15.07 -18.74
C ASN A 37 7.77 14.07 -19.90
N ASN A 38 8.36 14.43 -21.04
CA ASN A 38 8.35 13.59 -22.23
C ASN A 38 9.22 12.35 -22.08
N ASP A 39 10.38 12.54 -21.48
CA ASP A 39 11.31 11.46 -21.23
C ASP A 39 10.68 10.47 -20.26
N PHE A 40 10.01 11.02 -19.24
CA PHE A 40 9.41 10.25 -18.14
C PHE A 40 8.29 9.42 -18.72
N ARG A 41 7.38 10.06 -19.45
CA ARG A 41 6.30 9.29 -20.01
C ARG A 41 6.86 8.24 -21.03
N ALA A 42 7.84 8.63 -21.84
CA ALA A 42 8.36 7.67 -22.84
C ALA A 42 8.91 6.41 -22.12
N LEU A 43 9.62 6.63 -21.03
CA LEU A 43 10.18 5.53 -20.27
C LEU A 43 9.07 4.61 -19.79
N LEU A 44 8.02 5.21 -19.24
CA LEU A 44 6.93 4.42 -18.68
C LEU A 44 6.17 3.67 -19.76
N GLN A 45 6.15 4.24 -20.96
CA GLN A 45 5.51 3.58 -22.09
C GLN A 45 6.31 2.33 -22.56
N SER A 46 7.64 2.45 -22.65
N SER A 46 7.63 2.45 -22.63
CA SER A 46 8.52 1.31 -22.92
CA SER A 46 8.54 1.34 -22.94
C SER A 46 8.27 0.22 -21.88
C SER A 46 8.48 0.22 -21.89
N LEU A 47 8.39 0.60 -20.61
CA LEU A 47 8.33 -0.39 -19.53
C LEU A 47 7.01 -1.09 -19.56
N TYR A 48 5.95 -0.39 -19.89
CA TYR A 48 4.66 -1.03 -19.92
C TYR A 48 4.61 -2.09 -21.04
N ALA A 49 5.09 -1.75 -22.23
CA ALA A 49 5.14 -2.72 -23.31
C ALA A 49 6.04 -3.91 -22.88
N THR A 50 7.17 -3.60 -22.28
CA THR A 50 8.10 -4.64 -21.91
C THR A 50 7.52 -5.57 -20.91
N PHE A 51 6.93 -5.04 -19.84
CA PHE A 51 6.45 -5.91 -18.80
C PHE A 51 5.22 -6.68 -19.29
N LYS A 52 4.54 -6.20 -20.33
CA LYS A 52 3.46 -6.97 -20.94
C LYS A 52 4.00 -8.23 -21.67
N GLU A 53 5.15 -8.11 -22.27
CA GLU A 53 5.81 -9.25 -22.93
C GLU A 53 6.35 -10.22 -21.86
N PHE A 54 6.89 -9.68 -20.77
CA PHE A 54 7.25 -10.57 -19.63
C PHE A 54 6.05 -11.36 -19.17
N LYS A 55 4.90 -10.73 -19.12
CA LYS A 55 3.71 -11.39 -18.66
C LYS A 55 3.22 -12.49 -19.65
N MET A 56 3.29 -12.17 -20.94
CA MET A 56 3.02 -13.17 -21.98
C MET A 56 4.01 -14.33 -21.82
N HIS A 57 5.25 -14.00 -21.46
CA HIS A 57 6.26 -15.02 -21.23
C HIS A 57 5.87 -15.98 -20.11
N GLU A 58 5.53 -15.47 -18.91
CA GLU A 58 5.14 -16.35 -17.80
C GLU A 58 3.89 -17.11 -18.11
N GLN A 59 2.97 -16.46 -18.77
CA GLN A 59 1.72 -17.17 -19.08
C GLN A 59 1.97 -18.33 -20.07
N ILE A 60 2.91 -18.12 -20.99
CA ILE A 60 3.21 -19.15 -22.01
C ILE A 60 3.84 -20.36 -21.28
N GLU A 61 4.76 -20.09 -20.37
CA GLU A 61 5.35 -21.16 -19.59
C GLU A 61 4.29 -21.91 -18.79
N ASN A 62 3.35 -21.17 -18.17
CA ASN A 62 2.31 -21.80 -17.34
C ASN A 62 1.47 -22.71 -18.21
N GLU A 63 1.11 -22.20 -19.38
CA GLU A 63 0.11 -22.87 -20.19
C GLU A 63 0.66 -24.02 -21.03
N TYR A 64 1.93 -23.90 -21.42
CA TYR A 64 2.55 -24.86 -22.35
C TYR A 64 3.68 -25.70 -21.74
N ILE A 65 4.21 -25.32 -20.57
CA ILE A 65 5.37 -26.03 -20.02
C ILE A 65 5.13 -26.57 -18.62
N ILE A 66 4.92 -25.64 -17.69
CA ILE A 66 4.86 -25.92 -16.26
C ILE A 66 3.63 -26.72 -15.90
N GLY A 67 2.48 -26.33 -16.43
CA GLY A 67 1.24 -27.04 -16.12
C GLY A 67 1.30 -28.49 -16.55
N LEU A 68 2.11 -28.79 -17.57
CA LEU A 68 2.30 -30.16 -18.04
C LEU A 68 3.27 -30.91 -17.13
N LEU A 69 4.38 -30.25 -16.84
CA LEU A 69 5.42 -30.88 -16.05
C LEU A 69 4.85 -31.23 -14.66
N GLN A 70 4.06 -30.29 -14.15
CA GLN A 70 3.33 -30.46 -12.92
C GLN A 70 2.44 -31.69 -12.92
N GLN A 71 1.62 -31.84 -13.96
CA GLN A 71 0.71 -32.99 -14.09
C GLN A 71 1.42 -34.33 -14.03
N ARG A 72 2.67 -34.38 -14.49
CA ARG A 72 3.35 -35.68 -14.69
C ARG A 72 4.32 -36.04 -13.59
N SER A 73 4.99 -35.04 -13.03
CA SER A 73 5.88 -35.28 -11.92
C SER A 73 5.11 -35.15 -10.60
N GLN A 74 4.22 -34.16 -10.54
CA GLN A 74 3.47 -33.86 -9.33
C GLN A 74 4.38 -33.39 -8.19
N THR A 75 5.58 -32.96 -8.56
CA THR A 75 6.53 -32.37 -7.61
C THR A 75 6.35 -30.85 -7.58
N ILE A 76 5.24 -30.38 -8.12
CA ILE A 76 4.92 -28.96 -8.14
C ILE A 76 4.49 -28.49 -6.75
N TYR A 77 4.97 -27.33 -6.30
CA TYR A 77 4.46 -26.72 -5.05
C TYR A 77 4.48 -25.19 -5.13
N ASN A 78 5.59 -24.61 -5.61
CA ASN A 78 5.65 -23.17 -5.86
C ASN A 78 4.87 -22.82 -7.11
N VAL A 79 3.77 -22.08 -6.96
CA VAL A 79 3.04 -21.58 -8.13
C VAL A 79 4.00 -20.70 -8.91
N HIS A 80 3.85 -20.75 -10.24
CA HIS A 80 4.65 -19.94 -11.13
C HIS A 80 3.74 -18.92 -11.82
N ASN A 83 2.01 -12.48 -10.64
CA ASN A 83 1.38 -11.45 -9.82
C ASN A 83 2.25 -10.21 -9.70
N LYS A 84 3.55 -10.43 -9.57
CA LYS A 84 4.49 -9.35 -9.47
C LYS A 84 4.39 -8.48 -10.72
N LEU A 85 4.17 -9.13 -11.84
CA LEU A 85 4.17 -8.47 -13.13
C LEU A 85 2.97 -7.56 -13.27
N SER A 86 1.82 -8.00 -12.77
CA SER A 86 0.64 -7.16 -12.77
C SER A 86 0.79 -5.94 -11.83
N GLU A 87 1.54 -6.08 -10.74
CA GLU A 87 1.76 -4.95 -9.83
C GLU A 87 2.71 -3.93 -10.49
N MET A 88 3.74 -4.43 -11.16
CA MET A 88 4.66 -3.55 -11.86
C MET A 88 3.87 -2.79 -12.92
N LEU A 89 3.05 -3.50 -13.68
CA LEU A 89 2.26 -2.84 -14.70
C LEU A 89 1.33 -1.78 -14.10
N SER A 90 0.67 -2.12 -12.98
CA SER A 90 -0.14 -1.13 -12.22
C SER A 90 0.65 0.11 -11.74
N LEU A 91 1.85 -0.10 -11.19
CA LEU A 91 2.75 1.01 -10.91
C LEU A 91 3.01 1.94 -12.15
N PHE A 92 3.26 1.35 -13.32
CA PHE A 92 3.52 2.11 -14.55
C PHE A 92 2.28 2.94 -14.91
N GLU A 93 1.12 2.30 -14.85
CA GLU A 93 -0.14 2.97 -15.17
C GLU A 93 -0.35 4.16 -14.29
N LYS A 94 0.01 4.01 -13.03
CA LYS A 94 -0.11 5.15 -12.12
C LYS A 94 0.75 6.31 -12.59
N GLY A 95 2.01 6.03 -12.88
CA GLY A 95 2.96 7.04 -13.30
C GLY A 95 2.39 7.73 -14.53
N LEU A 96 1.68 6.97 -15.34
CA LEU A 96 1.18 7.47 -16.59
C LEU A 96 -0.09 8.27 -16.39
N LYS A 97 -0.90 7.90 -15.41
CA LYS A 97 -2.20 8.56 -15.27
C LYS A 97 -2.26 9.64 -14.18
N ASN A 98 -1.44 9.49 -13.12
CA ASN A 98 -1.52 10.34 -11.94
C ASN A 98 -0.29 11.18 -11.62
N VAL A 99 0.65 11.32 -12.53
CA VAL A 99 1.79 12.19 -12.25
C VAL A 99 1.74 13.42 -13.14
N LYS A 100 1.62 14.58 -12.52
CA LYS A 100 1.14 15.74 -13.23
C LYS A 100 2.11 16.92 -13.19
N ASN A 101 3.18 16.82 -12.40
CA ASN A 101 4.19 17.85 -12.41
C ASN A 101 5.50 17.27 -11.95
N GLU A 102 6.52 18.13 -11.89
CA GLU A 102 7.89 17.71 -11.67
C GLU A 102 8.14 17.16 -10.28
N TYR A 103 7.41 17.66 -9.28
CA TYR A 103 7.57 17.17 -7.93
C TYR A 103 7.10 15.73 -7.85
N GLU A 104 5.96 15.47 -8.47
CA GLU A 104 5.40 14.14 -8.51
C GLU A 104 6.23 13.20 -9.38
N GLN A 105 6.79 13.72 -10.48
CA GLN A 105 7.68 12.90 -11.29
C GLN A 105 8.87 12.39 -10.48
N LEU A 106 9.54 13.30 -9.75
CA LEU A 106 10.77 12.95 -9.06
C LEU A 106 10.49 12.05 -7.85
N ASN A 107 9.42 12.30 -7.12
CA ASN A 107 9.00 11.38 -6.07
C ASN A 107 8.75 9.98 -6.64
N TYR A 108 7.98 9.92 -7.74
CA TYR A 108 7.63 8.67 -8.36
C TYR A 108 8.89 7.97 -8.78
N ALA A 109 9.83 8.74 -9.32
CA ALA A 109 11.07 8.18 -9.86
C ALA A 109 11.85 7.34 -8.86
N LYS A 110 11.87 7.80 -7.61
CA LYS A 110 12.60 7.10 -6.57
C LYS A 110 11.93 5.75 -6.27
N GLN A 111 10.60 5.74 -6.29
CA GLN A 111 9.81 4.52 -6.08
C GLN A 111 9.99 3.49 -7.25
N LEU A 112 9.77 3.95 -8.47
CA LEU A 112 10.04 3.20 -9.68
C LEU A 112 11.42 2.54 -9.67
N LYS A 113 12.46 3.32 -9.42
CA LYS A 113 13.82 2.79 -9.41
C LYS A 113 14.00 1.67 -8.38
N GLU A 114 13.51 1.87 -7.16
CA GLU A 114 13.58 0.85 -6.13
C GLU A 114 12.84 -0.43 -6.56
N ARG A 115 11.60 -0.27 -7.05
CA ARG A 115 10.80 -1.43 -7.44
C ARG A 115 11.45 -2.15 -8.66
N LEU A 116 11.93 -1.39 -9.63
CA LEU A 116 12.58 -2.03 -10.79
C LEU A 116 13.84 -2.79 -10.40
N GLU A 117 14.67 -2.20 -9.56
CA GLU A 117 15.82 -2.88 -8.97
C GLU A 117 15.41 -4.21 -8.29
N ALA A 118 14.36 -4.20 -7.48
CA ALA A 118 13.96 -5.39 -6.73
C ALA A 118 13.44 -6.43 -7.71
N PHE A 119 12.51 -6.02 -8.58
CA PHE A 119 12.07 -6.87 -9.70
C PHE A 119 13.23 -7.51 -10.49
N THR A 120 14.18 -6.68 -10.90
CA THR A 120 15.29 -7.16 -11.69
C THR A 120 16.12 -8.18 -10.90
N ARG A 121 16.37 -7.95 -9.61
CA ARG A 121 17.17 -8.91 -8.84
C ARG A 121 16.49 -10.25 -8.66
N ASP A 122 15.17 -10.26 -8.62
CA ASP A 122 14.44 -11.53 -8.57
C ASP A 122 14.23 -12.25 -9.92
N PHE A 123 14.01 -11.46 -10.97
CA PHE A 123 13.66 -12.02 -12.29
C PHE A 123 14.76 -12.90 -12.85
N LEU A 124 16.00 -12.43 -12.77
CA LEU A 124 17.13 -13.13 -13.39
C LEU A 124 17.33 -14.52 -12.76
N PRO A 125 17.44 -14.58 -11.41
CA PRO A 125 17.51 -15.88 -10.74
C PRO A 125 16.34 -16.80 -11.08
N HIS A 126 15.14 -16.24 -11.17
CA HIS A 126 13.95 -17.00 -11.49
C HIS A 126 14.09 -17.72 -12.85
N MET A 127 14.80 -17.09 -13.79
CA MET A 127 15.00 -17.64 -15.12
C MET A 127 16.08 -18.72 -15.09
N LYS A 128 17.18 -18.42 -14.38
CA LYS A 128 18.25 -19.36 -14.07
C LYS A 128 17.72 -20.68 -13.48
N GLU A 129 16.84 -20.56 -12.49
CA GLU A 129 16.24 -21.74 -11.85
C GLU A 129 15.43 -22.62 -12.80
N GLU A 130 14.59 -22.00 -13.65
CA GLU A 130 13.88 -22.76 -14.68
C GLU A 130 14.89 -23.51 -15.61
N GLU A 131 15.98 -22.87 -15.96
CA GLU A 131 16.92 -23.47 -16.87
C GLU A 131 17.65 -24.62 -16.19
N GLU A 132 17.96 -24.42 -14.92
CA GLU A 132 18.76 -25.38 -14.15
C GLU A 132 17.93 -26.47 -13.51
N VAL A 133 16.67 -26.18 -13.22
CA VAL A 133 15.82 -27.14 -12.52
C VAL A 133 14.77 -27.75 -13.47
N PHE A 134 13.96 -26.91 -14.11
CA PHE A 134 12.83 -27.45 -14.87
C PHE A 134 13.28 -28.11 -16.16
N GLN A 135 14.38 -27.65 -16.75
CA GLN A 135 14.73 -28.18 -18.02
C GLN A 135 15.14 -29.65 -17.77
N PRO A 136 16.02 -29.89 -16.77
CA PRO A 136 16.36 -31.29 -16.49
C PRO A 136 15.13 -32.16 -16.22
N MET A 137 14.21 -31.73 -15.37
CA MET A 137 12.95 -32.47 -15.12
C MET A 137 12.18 -32.79 -16.41
N LEU A 138 12.15 -31.83 -17.33
CA LEU A 138 11.42 -32.03 -18.57
C LEU A 138 12.04 -33.24 -19.27
N MET A 139 13.35 -33.35 -19.21
CA MET A 139 14.03 -34.44 -19.92
C MET A 139 13.62 -35.80 -19.34
N GLU A 140 13.27 -35.84 -18.05
CA GLU A 140 12.92 -37.13 -17.42
C GLU A 140 11.45 -37.45 -17.63
N TYR A 141 10.60 -36.43 -17.63
CA TYR A 141 9.15 -36.67 -17.62
C TYR A 141 8.56 -36.80 -19.01
N PHE A 142 9.30 -36.35 -20.01
CA PHE A 142 8.84 -36.37 -21.42
C PHE A 142 9.83 -37.03 -22.31
N THR A 143 9.34 -37.62 -23.40
CA THR A 143 10.23 -38.16 -24.42
C THR A 143 10.86 -37.02 -25.22
N TYR A 144 11.80 -37.38 -26.10
CA TYR A 144 12.58 -36.39 -26.84
C TYR A 144 11.71 -35.66 -27.85
N GLU A 145 10.99 -36.41 -28.66
CA GLU A 145 9.98 -35.82 -29.55
C GLU A 145 8.90 -35.05 -28.78
N GLU A 146 8.54 -35.47 -27.57
CA GLU A 146 7.55 -34.69 -26.80
C GLU A 146 8.07 -33.30 -26.42
N LEU A 147 9.34 -33.23 -26.02
CA LEU A 147 10.00 -31.98 -25.69
C LEU A 147 10.16 -31.09 -26.93
N LYS A 148 10.55 -31.71 -28.04
CA LYS A 148 10.59 -31.02 -29.34
C LYS A 148 9.27 -30.37 -29.69
N ASP A 149 8.15 -31.12 -29.56
CA ASP A 149 6.78 -30.58 -29.73
C ASP A 149 6.46 -29.41 -28.77
N ILE A 150 6.79 -29.56 -27.48
CA ILE A 150 6.55 -28.44 -26.54
C ILE A 150 7.34 -27.21 -27.00
N LYS A 151 8.62 -27.37 -27.29
CA LYS A 151 9.39 -26.21 -27.74
C LYS A 151 8.84 -25.59 -29.04
N LYS A 152 8.33 -26.40 -29.95
CA LYS A 152 7.71 -25.85 -31.14
C LYS A 152 6.57 -24.88 -30.75
N LYS A 153 5.73 -25.33 -29.80
CA LYS A 153 4.60 -24.52 -29.35
C LYS A 153 5.03 -23.24 -28.58
N VAL A 154 6.09 -23.33 -27.80
CA VAL A 154 6.56 -22.21 -26.98
C VAL A 154 7.15 -21.12 -27.90
N ILE A 155 7.93 -21.52 -28.89
CA ILE A 155 8.50 -20.56 -29.83
C ILE A 155 7.35 -19.92 -30.63
N ALA A 156 6.42 -20.71 -31.16
CA ALA A 156 5.28 -20.15 -31.89
C ALA A 156 4.60 -19.07 -31.02
N GLN A 157 4.33 -19.35 -29.74
CA GLN A 157 3.67 -18.32 -28.88
C GLN A 157 4.51 -17.05 -28.60
N HIS A 158 5.82 -17.22 -28.44
CA HIS A 158 6.68 -16.07 -28.21
C HIS A 158 7.03 -15.24 -29.49
N CYS A 159 7.08 -15.89 -30.66
CA CYS A 159 7.50 -15.27 -31.94
C CYS A 159 6.45 -15.44 -33.05
N PRO B 5 9.23 9.81 19.48
CA PRO B 5 8.59 9.60 20.78
C PRO B 5 7.76 8.33 20.73
N GLU B 6 7.72 7.59 21.83
CA GLU B 6 7.03 6.32 21.87
C GLU B 6 5.61 6.49 21.41
N GLU B 7 4.96 7.55 21.89
CA GLU B 7 3.52 7.52 21.90
C GLU B 7 2.97 7.88 20.53
N VAL B 8 3.86 8.29 19.62
CA VAL B 8 3.44 8.45 18.21
C VAL B 8 4.07 7.43 17.20
N ASP B 9 4.79 6.44 17.71
CA ASP B 9 5.46 5.47 16.86
C ASP B 9 4.53 4.35 16.54
N VAL B 10 4.14 4.24 15.28
CA VAL B 10 3.11 3.27 14.90
C VAL B 10 3.68 1.96 14.37
N PHE B 11 5.01 1.87 14.25
CA PHE B 11 5.68 0.72 13.64
C PHE B 11 6.55 -0.14 14.58
N THR B 12 7.17 0.47 15.57
CA THR B 12 8.25 -0.17 16.28
C THR B 12 7.78 -1.39 17.04
N ALA B 13 6.70 -1.27 17.81
CA ALA B 13 6.23 -2.44 18.58
C ALA B 13 5.65 -3.53 17.66
N PRO B 14 4.77 -3.15 16.74
CA PRO B 14 4.37 -4.19 15.80
C PRO B 14 5.57 -4.91 15.14
N HIS B 15 6.54 -4.17 14.65
CA HIS B 15 7.67 -4.79 13.99
C HIS B 15 8.51 -5.64 14.95
N TRP B 16 8.52 -5.27 16.23
CA TRP B 16 9.18 -6.10 17.24
C TRP B 16 8.52 -7.49 17.26
N ARG B 17 7.19 -7.52 17.21
CA ARG B 17 6.46 -8.77 17.25
C ARG B 17 6.74 -9.59 15.97
N MET B 18 6.69 -8.95 14.80
CA MET B 18 6.89 -9.62 13.50
C MET B 18 8.27 -10.20 13.42
N LYS B 19 9.28 -9.43 13.81
CA LYS B 19 10.67 -9.93 13.83
C LYS B 19 10.85 -11.03 14.87
N GLN B 20 10.15 -10.96 15.99
CA GLN B 20 10.19 -12.05 16.94
C GLN B 20 9.66 -13.32 16.24
N LEU B 21 8.59 -13.16 15.48
CA LEU B 21 7.96 -14.32 14.82
C LEU B 21 8.87 -14.84 13.71
N VAL B 22 9.59 -13.92 13.06
CA VAL B 22 10.57 -14.35 12.08
C VAL B 22 11.68 -15.23 12.73
N GLY B 23 12.24 -14.77 13.84
CA GLY B 23 13.32 -15.47 14.53
C GLY B 23 12.87 -16.87 14.95
N LEU B 24 11.61 -16.97 15.35
CA LEU B 24 11.00 -18.24 15.74
C LEU B 24 10.85 -19.26 14.61
N TYR B 25 10.42 -18.85 13.42
CA TYR B 25 10.23 -19.84 12.40
C TYR B 25 11.59 -20.14 11.84
N CYS B 26 12.51 -19.19 11.93
CA CYS B 26 13.82 -19.46 11.40
C CYS B 26 14.42 -20.55 12.25
N ASP B 27 14.20 -20.45 13.56
CA ASP B 27 14.73 -21.43 14.49
C ASP B 27 14.01 -22.79 14.31
N LYS B 28 12.68 -22.79 14.26
CA LYS B 28 11.98 -24.06 14.12
C LYS B 28 12.43 -24.74 12.83
N LEU B 29 12.59 -23.92 11.80
CA LEU B 29 12.94 -24.40 10.48
C LEU B 29 14.27 -25.17 10.51
N SER B 30 15.28 -24.64 11.20
CA SER B 30 16.58 -25.31 11.16
C SER B 30 16.63 -26.55 12.08
N LYS B 31 15.62 -26.71 12.91
CA LYS B 31 15.54 -27.85 13.82
C LYS B 31 14.57 -28.92 13.30
N THR B 32 13.84 -28.62 12.24
CA THR B 32 12.79 -29.52 11.82
C THR B 32 13.38 -30.70 11.04
N ASN B 33 12.86 -31.88 11.34
CA ASN B 33 13.22 -33.10 10.64
C ASN B 33 12.18 -33.43 9.57
N PHE B 34 12.45 -32.99 8.34
CA PHE B 34 11.54 -33.13 7.19
C PHE B 34 11.26 -34.57 6.80
N SER B 35 12.01 -35.52 7.36
CA SER B 35 11.74 -36.94 7.11
C SER B 35 10.55 -37.41 7.96
N ASN B 36 10.25 -36.63 9.00
CA ASN B 36 9.26 -37.02 10.02
C ASN B 36 7.94 -36.29 9.79
N ASN B 37 6.90 -37.04 9.47
CA ASN B 37 5.60 -36.46 9.14
C ASN B 37 5.06 -35.48 10.22
N ASN B 38 5.15 -35.86 11.50
CA ASN B 38 4.62 -35.04 12.61
C ASN B 38 5.33 -33.72 12.75
N ASP B 39 6.66 -33.77 12.68
CA ASP B 39 7.52 -32.61 12.71
C ASP B 39 7.24 -31.70 11.50
N PHE B 40 7.08 -32.34 10.33
CA PHE B 40 6.82 -31.64 9.09
C PHE B 40 5.51 -30.84 9.21
N ARG B 41 4.42 -31.52 9.61
CA ARG B 41 3.13 -30.84 9.72
C ARG B 41 3.12 -29.81 10.87
N ALA B 42 3.78 -30.10 11.98
CA ALA B 42 3.81 -29.10 13.06
C ALA B 42 4.47 -27.83 12.52
N LEU B 43 5.50 -27.96 11.69
CA LEU B 43 6.18 -26.78 11.17
C LEU B 43 5.24 -25.96 10.31
N LEU B 44 4.56 -26.64 9.40
CA LEU B 44 3.65 -25.96 8.50
C LEU B 44 2.49 -25.34 9.28
N GLN B 45 2.03 -25.98 10.34
CA GLN B 45 0.91 -25.43 11.11
C GLN B 45 1.34 -24.17 11.80
N SER B 46 2.55 -24.17 12.37
CA SER B 46 3.07 -22.98 13.02
C SER B 46 3.29 -21.87 11.97
N LEU B 47 3.79 -22.24 10.79
CA LEU B 47 4.07 -21.23 9.77
C LEU B 47 2.75 -20.60 9.30
N TYR B 48 1.68 -21.38 9.22
CA TYR B 48 0.37 -20.88 8.80
C TYR B 48 -0.16 -19.82 9.80
N ALA B 49 -0.07 -20.13 11.08
CA ALA B 49 -0.54 -19.19 12.09
C ALA B 49 0.29 -17.87 12.10
N THR B 50 1.60 -18.01 11.95
CA THR B 50 2.50 -16.86 11.89
C THR B 50 2.24 -15.98 10.65
N PHE B 51 2.11 -16.57 9.48
CA PHE B 51 1.85 -15.75 8.32
C PHE B 51 0.41 -15.17 8.31
N LYS B 52 -0.54 -15.79 9.00
CA LYS B 52 -1.84 -15.13 9.18
C LYS B 52 -1.65 -13.86 10.02
N GLU B 53 -0.77 -13.94 10.99
CA GLU B 53 -0.48 -12.80 11.82
C GLU B 53 0.24 -11.73 10.98
N PHE B 54 1.18 -12.12 10.11
CA PHE B 54 1.80 -11.11 9.23
C PHE B 54 0.72 -10.45 8.32
N LYS B 55 -0.24 -11.22 7.83
CA LYS B 55 -1.30 -10.67 6.98
C LYS B 55 -2.20 -9.69 7.74
N MET B 56 -2.59 -10.05 8.96
CA MET B 56 -3.29 -9.11 9.86
C MET B 56 -2.44 -7.87 10.04
N HIS B 57 -1.13 -8.04 10.17
CA HIS B 57 -0.30 -6.87 10.39
C HIS B 57 -0.39 -5.90 9.20
N GLU B 58 -0.21 -6.41 7.97
CA GLU B 58 -0.24 -5.56 6.79
C GLU B 58 -1.65 -4.99 6.65
N GLN B 59 -2.65 -5.79 7.00
CA GLN B 59 -4.03 -5.33 6.83
C GLN B 59 -4.28 -4.17 7.80
N ILE B 60 -3.67 -4.23 8.98
CA ILE B 60 -3.84 -3.13 9.97
C ILE B 60 -3.15 -1.87 9.47
N GLU B 61 -1.96 -2.01 8.91
CA GLU B 61 -1.28 -0.85 8.34
C GLU B 61 -2.13 -0.22 7.21
N ASN B 62 -2.63 -1.04 6.28
CA ASN B 62 -3.42 -0.58 5.13
C ASN B 62 -4.59 0.30 5.62
N GLU B 63 -5.26 -0.18 6.67
CA GLU B 63 -6.53 0.36 7.15
C GLU B 63 -6.35 1.62 7.99
N TYR B 64 -5.44 1.59 8.96
CA TYR B 64 -5.34 2.64 10.00
C TYR B 64 -4.14 3.54 9.86
N ILE B 65 -3.20 3.22 8.97
CA ILE B 65 -2.04 4.09 8.80
C ILE B 65 -1.93 4.59 7.33
N ILE B 66 -1.85 3.64 6.40
CA ILE B 66 -1.51 3.94 5.00
C ILE B 66 -2.69 4.51 4.24
N GLY B 67 -3.87 3.94 4.42
CA GLY B 67 -5.07 4.52 3.85
C GLY B 67 -5.13 5.98 4.25
N LEU B 68 -5.17 6.22 5.55
CA LEU B 68 -5.31 7.58 6.08
C LEU B 68 -4.24 8.51 5.50
N LEU B 69 -2.98 8.04 5.53
CA LEU B 69 -1.85 8.83 5.04
C LEU B 69 -1.94 9.13 3.53
N GLN B 70 -2.47 8.18 2.77
CA GLN B 70 -2.70 8.40 1.33
C GLN B 70 -3.71 9.52 1.11
N GLN B 71 -4.80 9.49 1.88
CA GLN B 71 -5.82 10.54 1.84
C GLN B 71 -5.37 11.90 2.37
N ARG B 72 -4.07 12.17 2.35
CA ARG B 72 -3.55 13.49 2.73
C ARG B 72 -2.21 13.83 2.08
N SER B 73 -1.66 12.91 1.28
CA SER B 73 -0.29 13.02 0.79
C SER B 73 -0.22 13.38 -0.69
N TYR B 77 2.32 5.52 -4.03
CA TYR B 77 2.31 4.59 -5.17
C TYR B 77 2.74 3.18 -4.76
N HIS B 80 1.25 -0.90 -1.07
CA HIS B 80 1.52 -1.69 0.13
C HIS B 80 0.44 -2.77 0.35
N ASN B 83 -0.68 -10.65 -0.12
CA ASN B 83 -0.29 -10.94 -1.52
C ASN B 83 0.80 -11.96 -1.67
N LYS B 84 2.03 -11.53 -1.36
CA LYS B 84 3.11 -12.48 -1.13
C LYS B 84 2.64 -13.41 -0.02
N LEU B 85 1.95 -12.83 0.94
CA LEU B 85 1.53 -13.56 2.12
C LEU B 85 0.47 -14.61 1.79
N SER B 86 -0.56 -14.26 1.03
CA SER B 86 -1.57 -15.22 0.61
C SER B 86 -0.96 -16.35 -0.24
N GLU B 87 0.15 -16.08 -0.91
CA GLU B 87 0.84 -17.09 -1.70
C GLU B 87 1.58 -18.03 -0.77
N MET B 88 2.21 -17.49 0.26
CA MET B 88 2.94 -18.30 1.22
C MET B 88 1.92 -19.16 1.93
N LEU B 89 0.80 -18.58 2.32
CA LEU B 89 -0.24 -19.36 2.99
C LEU B 89 -0.68 -20.57 2.11
N SER B 90 -1.00 -20.30 0.86
CA SER B 90 -1.38 -21.34 -0.11
C SER B 90 -0.27 -22.38 -0.29
N LEU B 91 0.97 -21.92 -0.35
CA LEU B 91 2.09 -22.83 -0.33
C LEU B 91 2.02 -23.75 0.90
N PHE B 92 1.72 -23.20 2.08
CA PHE B 92 1.68 -24.04 3.29
C PHE B 92 0.53 -25.05 3.23
N GLU B 93 -0.64 -24.59 2.78
CA GLU B 93 -1.83 -25.44 2.69
C GLU B 93 -1.53 -26.67 1.89
N LYS B 94 -0.91 -26.45 0.75
CA LYS B 94 -0.60 -27.53 -0.16
C LYS B 94 0.26 -28.55 0.57
N GLY B 95 1.14 -28.07 1.44
CA GLY B 95 2.00 -28.94 2.19
C GLY B 95 1.17 -29.74 3.18
N LEU B 96 0.10 -29.14 3.68
CA LEU B 96 -0.71 -29.79 4.71
C LEU B 96 -1.68 -30.76 4.04
N LYS B 97 -2.16 -30.41 2.84
CA LYS B 97 -3.14 -31.25 2.16
C LYS B 97 -2.56 -32.33 1.21
N ASN B 98 -1.49 -32.03 0.49
CA ASN B 98 -1.05 -32.88 -0.64
C ASN B 98 0.21 -33.73 -0.41
N VAL B 99 0.97 -33.43 0.64
CA VAL B 99 2.18 -34.19 0.93
C VAL B 99 1.84 -35.37 1.83
N LYS B 100 2.20 -36.55 1.38
CA LYS B 100 1.96 -37.77 2.11
C LYS B 100 3.26 -38.33 2.64
N ASN B 101 4.04 -38.94 1.75
CA ASN B 101 5.22 -39.70 2.13
C ASN B 101 6.51 -38.87 2.22
N GLU B 102 7.59 -39.53 2.61
CA GLU B 102 8.88 -38.92 2.83
C GLU B 102 9.49 -38.28 1.56
N TYR B 103 9.17 -38.83 0.39
CA TYR B 103 9.70 -38.33 -0.88
C TYR B 103 9.11 -36.96 -1.17
N GLU B 104 7.78 -36.89 -1.09
CA GLU B 104 7.07 -35.61 -1.25
C GLU B 104 7.44 -34.60 -0.15
N GLN B 105 7.65 -35.06 1.08
CA GLN B 105 8.09 -34.16 2.14
C GLN B 105 9.45 -33.55 1.85
N LEU B 106 10.43 -34.34 1.43
CA LEU B 106 11.76 -33.78 1.23
C LEU B 106 11.86 -32.91 -0.04
N ASN B 107 11.14 -33.28 -1.10
CA ASN B 107 11.01 -32.40 -2.26
C ASN B 107 10.40 -31.06 -1.88
N TYR B 108 9.29 -31.12 -1.16
CA TYR B 108 8.62 -29.94 -0.63
C TYR B 108 9.54 -29.07 0.18
N ALA B 109 10.30 -29.68 1.09
CA ALA B 109 11.24 -28.96 1.96
C ALA B 109 12.16 -27.98 1.23
N LYS B 110 12.79 -28.46 0.15
CA LYS B 110 13.67 -27.63 -0.66
C LYS B 110 12.97 -26.36 -1.13
N GLN B 111 11.72 -26.49 -1.55
CA GLN B 111 10.96 -25.39 -2.12
C GLN B 111 10.53 -24.43 -1.00
N LEU B 112 10.04 -25.03 0.08
CA LEU B 112 9.66 -24.28 1.28
C LEU B 112 10.80 -23.45 1.80
N LYS B 113 11.95 -24.08 2.00
CA LYS B 113 13.11 -23.38 2.49
C LYS B 113 13.40 -22.22 1.57
N GLU B 114 13.39 -22.48 0.26
CA GLU B 114 13.74 -21.46 -0.72
C GLU B 114 12.80 -20.23 -0.67
N ARG B 115 11.49 -20.46 -0.61
CA ARG B 115 10.50 -19.37 -0.59
C ARG B 115 10.54 -18.60 0.70
N LEU B 116 10.69 -19.30 1.83
CA LEU B 116 10.84 -18.66 3.12
C LEU B 116 12.06 -17.75 3.19
N GLU B 117 13.19 -18.20 2.66
CA GLU B 117 14.40 -17.37 2.55
C GLU B 117 14.16 -16.11 1.72
N ALA B 118 13.45 -16.27 0.60
CA ALA B 118 13.15 -15.15 -0.29
C ALA B 118 12.17 -14.20 0.40
N PHE B 119 11.14 -14.75 1.02
CA PHE B 119 10.19 -13.95 1.78
C PHE B 119 10.89 -13.14 2.87
N THR B 120 11.76 -13.79 3.63
CA THR B 120 12.41 -13.17 4.76
C THR B 120 13.35 -12.02 4.36
N ARG B 121 14.07 -12.19 3.23
CA ARG B 121 15.01 -11.17 2.75
C ARG B 121 14.31 -9.92 2.24
N ASP B 122 13.06 -10.07 1.80
CA ASP B 122 12.20 -8.93 1.44
C ASP B 122 11.42 -8.31 2.62
N PHE B 123 10.97 -9.16 3.53
CA PHE B 123 10.12 -8.70 4.64
C PHE B 123 10.85 -7.75 5.58
N LEU B 124 12.11 -8.01 5.89
CA LEU B 124 12.80 -7.17 6.86
C LEU B 124 13.07 -5.75 6.32
N PRO B 125 13.52 -5.63 5.05
CA PRO B 125 13.70 -4.29 4.46
C PRO B 125 12.39 -3.55 4.25
N HIS B 126 11.32 -4.27 3.97
CA HIS B 126 10.02 -3.64 3.86
C HIS B 126 9.54 -3.03 5.20
N MET B 127 9.87 -3.65 6.34
CA MET B 127 9.56 -3.08 7.65
C MET B 127 10.42 -1.84 7.96
N LYS B 128 11.73 -1.97 7.77
CA LYS B 128 12.65 -0.84 7.91
C LYS B 128 12.25 0.38 7.06
N GLU B 129 11.88 0.14 5.82
CA GLU B 129 11.45 1.24 4.94
C GLU B 129 10.20 1.98 5.40
N GLU B 130 9.25 1.28 6.02
CA GLU B 130 8.10 1.94 6.62
C GLU B 130 8.56 2.82 7.79
N GLU B 131 9.47 2.31 8.62
CA GLU B 131 9.98 3.05 9.74
C GLU B 131 10.75 4.26 9.26
N GLU B 132 11.59 4.07 8.26
CA GLU B 132 12.42 5.17 7.82
C GLU B 132 11.69 6.17 6.94
N VAL B 133 10.62 5.73 6.29
CA VAL B 133 9.96 6.58 5.30
C VAL B 133 8.60 7.08 5.79
N PHE B 134 7.73 6.18 6.24
CA PHE B 134 6.35 6.55 6.52
C PHE B 134 6.20 7.27 7.84
N GLN B 135 7.02 6.91 8.81
CA GLN B 135 6.89 7.48 10.13
C GLN B 135 7.08 9.00 10.01
N PRO B 136 8.17 9.45 9.36
CA PRO B 136 8.36 10.90 9.14
C PRO B 136 7.20 11.61 8.43
N MET B 137 6.65 10.98 7.40
CA MET B 137 5.54 11.57 6.68
C MET B 137 4.31 11.74 7.55
N LEU B 138 4.07 10.75 8.42
CA LEU B 138 2.93 10.78 9.32
C LEU B 138 3.04 12.03 10.18
N MET B 139 4.28 12.37 10.52
CA MET B 139 4.56 13.56 11.33
C MET B 139 4.14 14.86 10.63
N GLU B 140 4.40 14.94 9.32
CA GLU B 140 4.00 16.12 8.55
C GLU B 140 2.49 16.17 8.39
N TYR B 141 1.88 15.04 8.05
CA TYR B 141 0.49 15.04 7.57
C TYR B 141 -0.54 14.95 8.69
N PHE B 142 -0.07 14.65 9.91
CA PHE B 142 -0.93 14.53 11.07
C PHE B 142 -0.40 15.32 12.27
N THR B 143 -1.30 15.79 13.10
CA THR B 143 -0.86 16.42 14.35
C THR B 143 -0.36 15.33 15.32
N TYR B 144 0.28 15.77 16.39
CA TYR B 144 0.81 14.88 17.42
C TYR B 144 -0.33 14.07 18.02
N GLU B 145 -1.38 14.74 18.46
CA GLU B 145 -2.54 14.05 19.00
C GLU B 145 -3.26 13.08 18.02
N GLU B 146 -3.39 13.43 16.75
CA GLU B 146 -3.93 12.51 15.74
C GLU B 146 -3.08 11.24 15.66
N LEU B 147 -1.77 11.42 15.68
CA LEU B 147 -0.85 10.29 15.58
C LEU B 147 -0.93 9.37 16.81
N LYS B 148 -1.12 9.97 18.00
CA LYS B 148 -1.34 9.24 19.22
C LYS B 148 -2.59 8.41 19.11
N ASP B 149 -3.64 8.97 18.49
CA ASP B 149 -4.86 8.20 18.28
C ASP B 149 -4.60 7.03 17.30
N ILE B 150 -3.84 7.28 16.25
CA ILE B 150 -3.58 6.23 15.26
C ILE B 150 -2.79 5.09 15.94
N LYS B 151 -1.80 5.44 16.78
CA LYS B 151 -1.04 4.41 17.44
C LYS B 151 -1.92 3.62 18.43
N LYS B 152 -2.85 4.30 19.11
CA LYS B 152 -3.81 3.63 19.99
C LYS B 152 -4.63 2.55 19.23
N LYS B 153 -5.10 2.88 18.04
CA LYS B 153 -5.86 1.90 17.27
C LYS B 153 -4.96 0.82 16.69
N VAL B 154 -3.78 1.18 16.23
CA VAL B 154 -2.85 0.19 15.68
C VAL B 154 -2.48 -0.88 16.74
N ILE B 155 -2.19 -0.42 17.95
CA ILE B 155 -1.87 -1.28 19.04
C ILE B 155 -3.10 -2.14 19.36
N ALA B 156 -4.28 -1.52 19.47
CA ALA B 156 -5.49 -2.29 19.87
C ALA B 156 -5.69 -3.45 18.93
N GLN B 157 -5.50 -3.21 17.63
CA GLN B 157 -5.75 -4.18 16.58
C GLN B 157 -4.68 -5.28 16.59
N HIS B 158 -3.44 -4.92 16.91
CA HIS B 158 -2.39 -5.90 17.03
C HIS B 158 -2.39 -6.76 18.28
N CYS B 159 -3.03 -6.31 19.38
CA CYS B 159 -2.80 -6.91 20.69
C CYS B 159 -4.04 -7.47 21.41
N PRO C 5 2.39 27.70 -22.38
CA PRO C 5 3.18 26.49 -22.65
C PRO C 5 3.97 26.01 -21.43
N GLU C 6 3.67 24.78 -21.03
CA GLU C 6 4.20 24.16 -19.83
C GLU C 6 5.69 24.36 -19.69
N GLU C 7 6.43 24.09 -20.76
CA GLU C 7 7.88 24.05 -20.67
C GLU C 7 8.53 25.44 -20.56
N VAL C 8 7.75 26.51 -20.63
CA VAL C 8 8.28 27.86 -20.34
C VAL C 8 7.57 28.52 -19.15
N ASP C 9 6.82 27.74 -18.40
CA ASP C 9 6.07 28.21 -17.28
C ASP C 9 6.96 28.02 -16.05
N VAL C 10 7.38 29.11 -15.43
CA VAL C 10 8.38 29.03 -14.36
C VAL C 10 7.75 29.12 -12.95
N PHE C 11 6.43 29.28 -12.88
CA PHE C 11 5.73 29.54 -11.61
C PHE C 11 4.71 28.45 -11.23
N THR C 12 4.09 27.79 -12.22
CA THR C 12 2.97 26.92 -11.87
C THR C 12 3.34 25.72 -11.01
N ALA C 13 4.42 24.99 -11.31
CA ALA C 13 4.70 23.83 -10.43
C ALA C 13 5.25 24.25 -9.07
N PRO C 14 6.15 25.26 -9.04
CA PRO C 14 6.59 25.81 -7.73
C PRO C 14 5.42 26.25 -6.91
N HIS C 15 4.49 26.99 -7.51
CA HIS C 15 3.34 27.48 -6.73
C HIS C 15 2.37 26.37 -6.36
N TRP C 16 2.26 25.34 -7.20
CA TRP C 16 1.49 24.18 -6.82
C TRP C 16 2.02 23.65 -5.47
N ARG C 17 3.34 23.53 -5.33
CA ARG C 17 3.92 23.03 -4.10
C ARG C 17 3.67 23.99 -2.93
N MET C 18 3.76 25.29 -3.17
CA MET C 18 3.56 26.25 -2.06
C MET C 18 2.11 26.21 -1.60
N LYS C 19 1.16 26.09 -2.53
CA LYS C 19 -0.24 26.05 -2.15
C LYS C 19 -0.58 24.76 -1.44
N GLN C 20 0.14 23.69 -1.78
CA GLN C 20 -0.01 22.44 -1.07
C GLN C 20 0.46 22.62 0.38
N LEU C 21 1.57 23.34 0.56
CA LEU C 21 2.14 23.57 1.88
C LEU C 21 1.19 24.46 2.71
N VAL C 22 0.64 25.50 2.09
CA VAL C 22 -0.34 26.36 2.78
C VAL C 22 -1.54 25.53 3.20
N GLY C 23 -2.08 24.76 2.26
CA GLY C 23 -3.21 23.88 2.58
C GLY C 23 -2.92 22.99 3.78
N LEU C 24 -1.69 22.48 3.88
CA LEU C 24 -1.32 21.54 4.92
C LEU C 24 -1.20 22.23 6.26
N TYR C 25 -0.63 23.44 6.33
CA TYR C 25 -0.56 24.13 7.60
C TYR C 25 -1.94 24.69 7.98
N CYS C 26 -2.81 24.99 7.02
CA CYS C 26 -4.14 25.44 7.45
C CYS C 26 -4.86 24.32 8.16
N ASP C 27 -4.79 23.10 7.63
CA ASP C 27 -5.34 21.91 8.28
C ASP C 27 -4.68 21.64 9.62
N LYS C 28 -3.35 21.65 9.66
CA LYS C 28 -2.68 21.35 10.91
C LYS C 28 -3.14 22.31 12.00
N LEU C 29 -3.12 23.59 11.64
CA LEU C 29 -3.46 24.67 12.58
C LEU C 29 -4.88 24.50 13.09
N SER C 30 -5.78 24.07 12.23
CA SER C 30 -7.16 24.00 12.62
C SER C 30 -7.36 22.82 13.56
N LYS C 31 -6.47 21.82 13.49
CA LYS C 31 -6.65 20.60 14.28
C LYS C 31 -5.80 20.56 15.55
N THR C 32 -4.94 21.56 15.72
CA THR C 32 -3.98 21.51 16.80
C THR C 32 -4.65 21.90 18.12
N ASN C 33 -4.32 21.14 19.16
CA ASN C 33 -4.70 21.48 20.51
C ASN C 33 -3.64 22.38 21.14
N PHE C 34 -3.88 23.68 21.12
CA PHE C 34 -2.90 24.63 21.67
C PHE C 34 -2.71 24.50 23.19
N SER C 35 -3.61 23.80 23.88
CA SER C 35 -3.36 23.53 25.30
C SER C 35 -2.40 22.36 25.49
N ASN C 36 -2.10 21.62 24.42
CA ASN C 36 -1.19 20.47 24.55
C ASN C 36 0.19 20.88 24.05
N ASN C 37 1.20 20.78 24.91
CA ASN C 37 2.55 21.18 24.55
C ASN C 37 3.14 20.42 23.34
N ASN C 38 2.86 19.12 23.23
CA ASN C 38 3.45 18.30 22.17
C ASN C 38 2.85 18.70 20.82
N ASP C 39 1.53 18.92 20.80
CA ASP C 39 0.82 19.44 19.64
C ASP C 39 1.33 20.83 19.23
N PHE C 40 1.52 21.69 20.22
CA PHE C 40 1.92 23.08 20.02
C PHE C 40 3.29 23.08 19.36
N ARG C 41 4.25 22.38 19.95
CA ARG C 41 5.61 22.34 19.42
C ARG C 41 5.65 21.65 18.02
N ALA C 42 4.91 20.57 17.84
CA ALA C 42 4.96 19.89 16.54
C ALA C 42 4.40 20.84 15.48
N LEU C 43 3.40 21.63 15.84
CA LEU C 43 2.85 22.59 14.88
C LEU C 43 3.94 23.56 14.50
N LEU C 44 4.65 24.09 15.48
CA LEU C 44 5.65 25.12 15.19
C LEU C 44 6.82 24.56 14.37
N GLN C 45 7.15 23.29 14.62
CA GLN C 45 8.21 22.63 13.88
C GLN C 45 7.84 22.48 12.39
N SER C 46 6.62 22.04 12.11
N SER C 46 6.60 22.06 12.13
CA SER C 46 6.12 21.95 10.76
CA SER C 46 6.08 21.93 10.77
C SER C 46 6.23 23.33 10.10
C SER C 46 6.00 23.26 10.03
N LEU C 47 5.65 24.34 10.75
CA LEU C 47 5.60 25.68 10.17
C LEU C 47 6.99 26.16 9.88
N TYR C 48 7.93 25.86 10.76
CA TYR C 48 9.28 26.32 10.56
C TYR C 48 9.88 25.66 9.29
N ALA C 49 9.69 24.35 9.10
CA ALA C 49 10.19 23.73 7.86
C ALA C 49 9.51 24.28 6.59
N THR C 50 8.21 24.49 6.70
CA THR C 50 7.43 25.06 5.64
C THR C 50 7.85 26.45 5.27
N PHE C 51 8.02 27.33 6.25
CA PHE C 51 8.37 28.69 5.86
C PHE C 51 9.82 28.77 5.41
N LYS C 52 10.64 27.78 5.79
CA LYS C 52 11.99 27.67 5.21
C LYS C 52 11.94 27.33 3.69
N GLU C 53 11.00 26.48 3.30
CA GLU C 53 10.80 26.14 1.88
C GLU C 53 10.19 27.35 1.13
N PHE C 54 9.26 28.06 1.77
CA PHE C 54 8.81 29.34 1.21
C PHE C 54 9.96 30.29 0.99
N LYS C 55 10.94 30.28 1.89
CA LYS C 55 12.01 31.23 1.77
C LYS C 55 12.99 30.83 0.64
N MET C 56 13.27 29.54 0.53
CA MET C 56 14.04 29.03 -0.60
C MET C 56 13.33 29.40 -1.91
N HIS C 57 12.00 29.32 -1.90
CA HIS C 57 11.22 29.62 -3.07
C HIS C 57 11.43 31.05 -3.52
N GLU C 58 11.23 32.01 -2.61
CA GLU C 58 11.42 33.41 -2.96
C GLU C 58 12.85 33.64 -3.36
N GLN C 59 13.79 32.97 -2.71
CA GLN C 59 15.18 33.24 -3.10
C GLN C 59 15.48 32.72 -4.51
N ILE C 60 14.95 31.54 -4.83
CA ILE C 60 15.15 30.96 -6.14
C ILE C 60 14.60 31.94 -7.21
N GLU C 61 13.43 32.50 -6.94
CA GLU C 61 12.84 33.49 -7.83
C GLU C 61 13.76 34.70 -8.00
N ASN C 62 14.27 35.25 -6.90
CA ASN C 62 15.18 36.40 -7.00
C ASN C 62 16.39 36.09 -7.83
N GLU C 63 16.95 34.90 -7.60
CA GLU C 63 18.26 34.58 -8.16
C GLU C 63 18.19 34.08 -9.59
N TYR C 64 17.09 33.43 -9.97
CA TYR C 64 17.03 32.79 -11.29
C TYR C 64 15.98 33.40 -12.24
N ILE C 65 15.07 34.24 -11.71
CA ILE C 65 13.96 34.74 -12.52
C ILE C 65 13.89 36.25 -12.50
N ILE C 66 13.65 36.82 -11.33
CA ILE C 66 13.36 38.23 -11.19
C ILE C 66 14.60 39.12 -11.41
N GLY C 67 15.76 38.72 -10.90
CA GLY C 67 16.97 39.48 -11.12
C GLY C 67 17.27 39.68 -12.60
N LEU C 68 16.99 38.65 -13.40
CA LEU C 68 17.21 38.70 -14.86
C LEU C 68 16.18 39.57 -15.57
N LEU C 69 14.93 39.30 -15.27
CA LEU C 69 13.80 39.97 -15.89
C LEU C 69 13.92 41.48 -15.65
N GLN C 70 14.38 41.83 -14.46
CA GLN C 70 14.56 43.22 -14.08
C GLN C 70 15.68 43.88 -14.88
N GLN C 71 16.76 43.14 -15.11
CA GLN C 71 17.92 43.67 -15.82
C GLN C 71 17.54 44.04 -17.25
N ARG C 72 16.58 43.32 -17.82
CA ARG C 72 16.23 43.50 -19.23
C ARG C 72 15.08 44.47 -19.46
N SER C 73 14.11 44.49 -18.54
CA SER C 73 12.94 45.33 -18.71
C SER C 73 13.13 46.74 -18.12
N TYR C 77 10.21 47.80 -9.92
CA TYR C 77 10.49 48.87 -8.95
C TYR C 77 10.23 48.41 -7.52
N ASN C 78 9.12 47.71 -7.28
CA ASN C 78 8.86 47.16 -5.95
C ASN C 78 9.56 45.84 -5.78
N VAL C 79 10.43 45.77 -4.77
CA VAL C 79 11.30 44.63 -4.63
C VAL C 79 10.49 43.43 -4.15
N HIS C 80 11.16 42.28 -4.15
CA HIS C 80 10.51 41.00 -4.02
C HIS C 80 11.24 40.20 -2.93
N ASN C 83 11.14 38.12 3.47
CA ASN C 83 11.26 39.23 4.41
C ASN C 83 10.19 39.19 5.51
N LYS C 84 8.95 39.01 5.10
CA LYS C 84 7.93 38.59 6.01
C LYS C 84 8.42 37.24 6.50
N LEU C 85 8.98 36.48 5.55
CA LEU C 85 9.32 35.07 5.77
C LEU C 85 10.31 34.92 6.91
N SER C 86 11.26 35.86 6.98
CA SER C 86 12.22 35.89 8.08
C SER C 86 11.56 36.28 9.40
N GLU C 87 10.50 37.08 9.33
CA GLU C 87 9.82 37.48 10.57
C GLU C 87 8.92 36.33 11.05
N MET C 88 8.28 35.63 10.12
CA MET C 88 7.42 34.53 10.49
C MET C 88 8.29 33.45 11.13
N LEU C 89 9.42 33.12 10.51
CA LEU C 89 10.31 32.12 11.10
C LEU C 89 10.81 32.55 12.50
N SER C 90 11.18 33.82 12.67
CA SER C 90 11.48 34.38 14.02
C SER C 90 10.31 34.23 15.00
N LEU C 91 9.09 34.56 14.58
CA LEU C 91 7.93 34.22 15.40
C LEU C 91 7.92 32.74 15.84
N PHE C 92 8.12 31.79 14.92
CA PHE C 92 8.01 30.37 15.28
C PHE C 92 9.11 30.00 16.29
N GLU C 93 10.29 30.56 16.10
CA GLU C 93 11.43 30.28 16.98
C GLU C 93 11.13 30.75 18.39
N LYS C 94 10.50 31.90 18.50
CA LYS C 94 10.06 32.37 19.80
C LYS C 94 9.11 31.35 20.44
N GLY C 95 8.15 30.84 19.65
CA GLY C 95 7.22 29.83 20.13
C GLY C 95 8.02 28.65 20.66
N LEU C 96 9.04 28.26 19.93
CA LEU C 96 9.77 27.05 20.26
C LEU C 96 10.71 27.21 21.45
N LYS C 97 11.30 28.39 21.64
CA LYS C 97 12.25 28.56 22.73
C LYS C 97 11.72 29.29 23.99
N ASN C 98 10.66 30.10 23.87
CA ASN C 98 10.24 30.98 24.96
C ASN C 98 8.86 30.67 25.56
N VAL C 99 8.18 29.65 25.08
CA VAL C 99 6.85 29.36 25.62
C VAL C 99 6.90 28.16 26.58
N LYS C 100 6.51 28.39 27.83
CA LYS C 100 6.87 27.48 28.90
C LYS C 100 5.69 26.80 29.56
N ASN C 101 4.47 27.29 29.36
CA ASN C 101 3.34 26.68 29.99
C ASN C 101 2.10 27.02 29.18
N GLU C 102 0.97 26.46 29.59
CA GLU C 102 -0.29 26.60 28.89
C GLU C 102 -0.75 28.07 28.77
N TYR C 103 -0.40 28.90 29.75
CA TYR C 103 -0.83 30.30 29.68
C TYR C 103 -0.13 30.95 28.51
N GLU C 104 1.18 30.76 28.43
CA GLU C 104 1.98 31.30 27.37
C GLU C 104 1.66 30.68 25.99
N GLN C 105 1.40 29.37 25.93
CA GLN C 105 0.93 28.76 24.69
C GLN C 105 -0.34 29.44 24.15
N LEU C 106 -1.33 29.68 25.03
CA LEU C 106 -2.62 30.16 24.55
C LEU C 106 -2.56 31.64 24.12
N ASN C 107 -1.82 32.47 24.85
CA ASN C 107 -1.56 33.83 24.40
C ASN C 107 -0.86 33.83 23.04
N TYR C 108 0.19 33.03 22.95
CA TYR C 108 0.99 32.95 21.76
C TYR C 108 0.12 32.54 20.58
N ALA C 109 -0.66 31.50 20.79
CA ALA C 109 -1.55 30.95 19.78
C ALA C 109 -2.41 32.01 19.13
N LYS C 110 -2.93 32.93 19.93
CA LYS C 110 -3.76 33.98 19.38
C LYS C 110 -2.95 34.83 18.42
N GLN C 111 -1.71 35.14 18.80
CA GLN C 111 -0.82 35.95 17.95
C GLN C 111 -0.42 35.20 16.63
N LEU C 112 -0.22 33.89 16.76
CA LEU C 112 0.26 33.03 15.70
C LEU C 112 -0.81 32.98 14.63
N LYS C 113 -2.04 32.79 15.08
CA LYS C 113 -3.17 32.65 14.18
C LYS C 113 -3.41 33.96 13.43
N GLU C 114 -3.36 35.08 14.13
CA GLU C 114 -3.54 36.36 13.43
C GLU C 114 -2.45 36.57 12.35
N ARG C 115 -1.20 36.26 12.69
CA ARG C 115 -0.10 36.48 11.78
C ARG C 115 -0.15 35.52 10.56
N LEU C 116 -0.41 34.25 10.80
CA LEU C 116 -0.58 33.30 9.73
C LEU C 116 -1.73 33.70 8.82
N GLU C 117 -2.86 34.12 9.38
CA GLU C 117 -3.97 34.57 8.53
C GLU C 117 -3.53 35.75 7.64
N ALA C 118 -2.89 36.77 8.23
CA ALA C 118 -2.40 37.89 7.45
C ALA C 118 -1.40 37.40 6.42
N PHE C 119 -0.39 36.61 6.82
CA PHE C 119 0.56 36.06 5.85
C PHE C 119 -0.14 35.30 4.70
N THR C 120 -1.10 34.45 5.03
CA THR C 120 -1.77 33.66 4.03
C THR C 120 -2.59 34.56 3.09
N ARG C 121 -3.17 35.61 3.66
CA ARG C 121 -3.91 36.61 2.91
C ARG C 121 -3.07 37.28 1.86
N ASP C 122 -1.84 37.63 2.22
CA ASP C 122 -0.95 38.26 1.25
C ASP C 122 -0.21 37.29 0.30
N PHE C 123 0.12 36.10 0.77
CA PHE C 123 0.94 35.16 0.00
C PHE C 123 0.29 34.73 -1.31
N LEU C 124 -1.01 34.44 -1.28
CA LEU C 124 -1.72 33.87 -2.43
C LEU C 124 -1.84 34.87 -3.61
N PRO C 125 -2.32 36.10 -3.33
CA PRO C 125 -2.28 37.19 -4.33
C PRO C 125 -0.88 37.44 -4.90
N HIS C 126 0.15 37.42 -4.04
CA HIS C 126 1.53 37.58 -4.49
C HIS C 126 1.96 36.52 -5.53
N MET C 127 1.54 35.29 -5.32
CA MET C 127 1.79 34.24 -6.28
C MET C 127 0.99 34.44 -7.57
N LYS C 128 -0.28 34.81 -7.42
CA LYS C 128 -1.16 35.14 -8.53
C LYS C 128 -0.57 36.23 -9.44
N GLU C 129 -0.04 37.29 -8.84
CA GLU C 129 0.54 38.41 -9.60
C GLU C 129 1.80 38.07 -10.39
N GLU C 130 2.65 37.18 -9.86
CA GLU C 130 3.79 36.68 -10.63
C GLU C 130 3.31 35.92 -11.89
N GLU C 131 2.33 35.04 -11.70
CA GLU C 131 1.74 34.31 -12.81
C GLU C 131 1.10 35.28 -13.80
N GLU C 132 0.48 36.32 -13.26
CA GLU C 132 -0.32 37.21 -14.08
C GLU C 132 0.51 38.30 -14.71
N VAL C 133 1.57 38.69 -14.04
CA VAL C 133 2.36 39.78 -14.57
C VAL C 133 3.69 39.28 -15.08
N PHE C 134 4.42 38.54 -14.25
CA PHE C 134 5.79 38.27 -14.58
C PHE C 134 5.90 37.29 -15.72
N GLN C 135 4.98 36.34 -15.78
CA GLN C 135 5.15 35.27 -16.76
C GLN C 135 4.95 35.92 -18.12
N PRO C 136 3.87 36.72 -18.28
CA PRO C 136 3.77 37.41 -19.58
C PRO C 136 5.01 38.24 -19.91
N MET C 137 5.56 38.97 -18.96
CA MET C 137 6.77 39.76 -19.20
C MET C 137 7.95 38.90 -19.65
N LEU C 138 8.13 37.74 -19.00
CA LEU C 138 9.20 36.83 -19.35
C LEU C 138 9.07 36.45 -20.82
N MET C 139 7.83 36.30 -21.27
CA MET C 139 7.58 35.97 -22.67
C MET C 139 8.15 37.07 -23.61
N GLU C 140 8.08 38.32 -23.17
CA GLU C 140 8.53 39.44 -23.98
C GLU C 140 10.03 39.51 -24.02
N TYR C 141 10.65 39.37 -22.86
CA TYR C 141 12.04 39.74 -22.73
C TYR C 141 12.98 38.64 -23.08
N PHE C 142 12.44 37.44 -23.25
CA PHE C 142 13.29 36.27 -23.47
C PHE C 142 12.80 35.48 -24.62
N THR C 143 13.71 34.76 -25.24
CA THR C 143 13.36 33.82 -26.28
C THR C 143 12.71 32.59 -25.64
N TYR C 144 12.08 31.77 -26.47
CA TYR C 144 11.42 30.56 -25.98
C TYR C 144 12.43 29.60 -25.37
N GLU C 145 13.56 29.38 -26.02
CA GLU C 145 14.57 28.50 -25.46
C GLU C 145 15.23 29.11 -24.21
N GLU C 146 15.35 30.43 -24.15
CA GLU C 146 15.84 31.12 -22.95
C GLU C 146 14.95 30.86 -21.73
N LEU C 147 13.64 30.91 -21.92
CA LEU C 147 12.65 30.62 -20.88
C LEU C 147 12.64 29.14 -20.49
N LYS C 148 12.83 28.27 -21.49
CA LYS C 148 13.00 26.86 -21.26
C LYS C 148 14.17 26.60 -20.35
N ASP C 149 15.32 27.26 -20.61
CA ASP C 149 16.53 27.09 -19.78
C ASP C 149 16.32 27.59 -18.38
N ILE C 150 15.70 28.78 -18.26
CA ILE C 150 15.33 29.28 -16.93
C ILE C 150 14.43 28.27 -16.20
N LYS C 151 13.40 27.72 -16.86
CA LYS C 151 12.54 26.80 -16.11
C LYS C 151 13.34 25.59 -15.62
N LYS C 152 14.18 25.02 -16.49
CA LYS C 152 15.03 23.91 -16.08
C LYS C 152 15.79 24.23 -14.77
N LYS C 153 16.38 25.42 -14.68
CA LYS C 153 17.15 25.79 -13.49
C LYS C 153 16.26 25.96 -12.23
N VAL C 154 15.06 26.48 -12.42
CA VAL C 154 14.13 26.73 -11.35
C VAL C 154 13.59 25.44 -10.81
N ILE C 155 13.27 24.51 -11.69
CA ILE C 155 12.85 23.23 -11.23
C ILE C 155 14.02 22.55 -10.54
N ALA C 156 15.24 22.68 -11.06
CA ALA C 156 16.35 21.95 -10.46
C ALA C 156 16.52 22.48 -9.01
N GLN C 157 16.41 23.79 -8.82
CA GLN C 157 16.57 24.38 -7.49
C GLN C 157 15.44 23.97 -6.53
N HIS C 158 14.21 23.87 -7.05
CA HIS C 158 13.07 23.50 -6.22
C HIS C 158 12.93 21.99 -5.88
N CYS C 159 13.44 21.09 -6.74
CA CYS C 159 13.15 19.65 -6.64
C CYS C 159 14.39 18.74 -6.61
N PRO D 5 -24.18 -11.72 -14.08
CA PRO D 5 -23.49 -12.94 -14.52
C PRO D 5 -22.63 -13.51 -13.40
N GLU D 6 -22.86 -14.79 -13.13
CA GLU D 6 -22.30 -15.50 -12.00
C GLU D 6 -20.84 -15.14 -11.84
N GLU D 7 -20.09 -15.29 -12.91
CA GLU D 7 -18.64 -15.32 -12.78
C GLU D 7 -18.01 -13.94 -12.63
N VAL D 8 -18.79 -12.86 -12.79
CA VAL D 8 -18.29 -11.51 -12.45
C VAL D 8 -18.91 -10.85 -11.19
N ASP D 9 -19.76 -11.59 -10.48
CA ASP D 9 -20.42 -11.07 -9.28
C ASP D 9 -19.56 -11.27 -8.06
N VAL D 10 -19.07 -10.17 -7.48
CA VAL D 10 -18.13 -10.26 -6.36
C VAL D 10 -18.80 -10.10 -4.99
N PHE D 11 -20.13 -10.00 -4.97
CA PHE D 11 -20.89 -9.74 -3.72
C PHE D 11 -21.90 -10.81 -3.29
N THR D 12 -22.52 -11.49 -4.25
CA THR D 12 -23.69 -12.32 -3.94
C THR D 12 -23.36 -13.49 -3.01
N ALA D 13 -22.32 -14.26 -3.35
CA ALA D 13 -21.95 -15.40 -2.49
C ALA D 13 -21.37 -14.93 -1.15
N PRO D 14 -20.47 -13.94 -1.15
CA PRO D 14 -20.08 -13.46 0.18
C PRO D 14 -21.27 -13.01 1.03
N HIS D 15 -22.19 -12.26 0.43
CA HIS D 15 -23.32 -11.73 1.17
C HIS D 15 -24.32 -12.83 1.54
N TRP D 16 -24.42 -13.85 0.71
CA TRP D 16 -25.19 -15.03 1.07
C TRP D 16 -24.68 -15.53 2.42
N ARG D 17 -23.37 -15.62 2.57
CA ARG D 17 -22.78 -16.19 3.80
C ARG D 17 -23.02 -15.26 5.01
N MET D 18 -22.79 -13.97 4.82
CA MET D 18 -23.00 -12.97 5.86
C MET D 18 -24.43 -12.96 6.33
N LYS D 19 -25.38 -12.99 5.39
CA LYS D 19 -26.79 -13.08 5.76
C LYS D 19 -27.10 -14.39 6.45
N GLN D 20 -26.43 -15.47 6.04
CA GLN D 20 -26.63 -16.72 6.75
C GLN D 20 -26.22 -16.55 8.23
N LEU D 21 -25.13 -15.83 8.43
CA LEU D 21 -24.59 -15.72 9.80
C LEU D 21 -25.47 -14.76 10.63
N VAL D 22 -25.96 -13.71 9.99
CA VAL D 22 -26.95 -12.85 10.62
C VAL D 22 -28.19 -13.64 11.12
N GLY D 23 -28.82 -14.42 10.23
CA GLY D 23 -29.95 -15.27 10.57
C GLY D 23 -29.60 -16.18 11.76
N LEU D 24 -28.35 -16.62 11.83
CA LEU D 24 -27.94 -17.54 12.89
C LEU D 24 -27.83 -16.87 14.24
N TYR D 25 -27.25 -15.68 14.34
CA TYR D 25 -27.18 -15.05 15.65
C TYR D 25 -28.56 -14.51 16.02
N CYS D 26 -29.38 -14.08 15.07
CA CYS D 26 -30.70 -13.63 15.47
C CYS D 26 -31.40 -14.81 16.11
N ASP D 27 -31.22 -16.00 15.54
CA ASP D 27 -31.88 -17.18 16.10
C ASP D 27 -31.28 -17.58 17.46
N LYS D 28 -29.95 -17.54 17.56
CA LYS D 28 -29.28 -17.87 18.82
C LYS D 28 -29.69 -16.89 19.92
N LEU D 29 -29.72 -15.62 19.55
CA LEU D 29 -30.05 -14.55 20.47
C LEU D 29 -31.46 -14.74 21.01
N SER D 30 -32.40 -15.04 20.14
CA SER D 30 -33.77 -15.17 20.58
C SER D 30 -33.98 -16.37 21.50
N LYS D 31 -33.09 -17.37 21.45
CA LYS D 31 -33.22 -18.60 22.25
C LYS D 31 -32.34 -18.62 23.51
N THR D 32 -31.47 -17.65 23.65
CA THR D 32 -30.50 -17.65 24.73
C THR D 32 -31.15 -17.28 26.06
N ASN D 33 -30.83 -18.05 27.09
CA ASN D 33 -31.24 -17.76 28.46
C ASN D 33 -30.16 -16.89 29.16
N PHE D 34 -30.38 -15.58 29.18
CA PHE D 34 -29.36 -14.65 29.69
C PHE D 34 -29.13 -14.81 31.20
N SER D 35 -30.00 -15.58 31.86
CA SER D 35 -29.81 -15.85 33.28
C SER D 35 -28.82 -17.00 33.51
N ASN D 36 -28.43 -17.70 32.45
CA ASN D 36 -27.50 -18.83 32.61
C ASN D 36 -26.11 -18.46 32.12
N ASN D 37 -25.13 -18.50 33.02
CA ASN D 37 -23.79 -18.07 32.64
C ASN D 37 -23.27 -18.80 31.39
N ASN D 38 -23.53 -20.10 31.26
CA ASN D 38 -23.03 -20.88 30.09
C ASN D 38 -23.71 -20.51 28.77
N ASP D 39 -25.02 -20.33 28.77
CA ASP D 39 -25.73 -19.85 27.57
C ASP D 39 -25.24 -18.43 27.15
N PHE D 40 -25.02 -17.58 28.14
CA PHE D 40 -24.61 -16.20 27.93
C PHE D 40 -23.22 -16.14 27.26
N ARG D 41 -22.24 -16.82 27.84
CA ARG D 41 -20.89 -16.89 27.28
C ARG D 41 -20.82 -17.64 25.92
N ALA D 42 -21.57 -18.71 25.78
CA ALA D 42 -21.60 -19.40 24.48
C ALA D 42 -22.10 -18.42 23.40
N LEU D 43 -23.17 -17.69 23.72
CA LEU D 43 -23.67 -16.67 22.80
C LEU D 43 -22.61 -15.65 22.46
N LEU D 44 -21.91 -15.13 23.45
CA LEU D 44 -20.92 -14.10 23.16
C LEU D 44 -19.79 -14.76 22.38
N GLN D 45 -19.53 -16.04 22.63
CA GLN D 45 -18.48 -16.70 21.88
C GLN D 45 -18.85 -16.83 20.39
N SER D 46 -20.07 -17.24 20.02
CA SER D 46 -20.45 -17.31 18.62
C SER D 46 -20.36 -15.91 18.03
N LEU D 47 -20.87 -14.95 18.77
CA LEU D 47 -20.98 -13.60 18.27
C LEU D 47 -19.59 -13.10 17.92
N TYR D 48 -18.59 -13.39 18.76
CA TYR D 48 -17.24 -12.94 18.51
C TYR D 48 -16.71 -13.56 17.22
N ALA D 49 -16.86 -14.88 17.07
CA ALA D 49 -16.38 -15.54 15.85
C ALA D 49 -17.08 -14.98 14.59
N THR D 50 -18.40 -14.83 14.66
CA THR D 50 -19.17 -14.29 13.57
C THR D 50 -18.69 -12.89 13.18
N PHE D 51 -18.47 -12.00 14.13
CA PHE D 51 -18.13 -10.64 13.76
C PHE D 51 -16.68 -10.51 13.26
N LYS D 52 -15.81 -11.43 13.67
CA LYS D 52 -14.50 -11.53 13.06
C LYS D 52 -14.63 -11.91 11.57
N GLU D 53 -15.52 -12.85 11.26
CA GLU D 53 -15.84 -13.16 9.87
C GLU D 53 -16.40 -11.94 9.13
N PHE D 54 -17.31 -11.19 9.76
CA PHE D 54 -17.75 -9.93 9.14
C PHE D 54 -16.56 -8.96 8.95
N LYS D 55 -15.65 -8.88 9.91
CA LYS D 55 -14.48 -8.00 9.74
C LYS D 55 -13.56 -8.42 8.56
N MET D 56 -13.27 -9.72 8.50
CA MET D 56 -12.56 -10.31 7.35
C MET D 56 -13.29 -9.96 6.09
N HIS D 57 -14.62 -10.07 6.12
CA HIS D 57 -15.34 -9.82 4.88
C HIS D 57 -15.10 -8.38 4.38
N GLU D 58 -15.28 -7.40 5.27
CA GLU D 58 -15.10 -6.00 4.90
C GLU D 58 -13.66 -5.77 4.50
N GLN D 59 -12.72 -6.47 5.15
CA GLN D 59 -11.30 -6.26 4.83
C GLN D 59 -11.00 -6.77 3.42
N ILE D 60 -11.66 -7.86 3.05
CA ILE D 60 -11.48 -8.42 1.70
C ILE D 60 -12.02 -7.44 0.66
N GLU D 61 -13.16 -6.83 0.98
CA GLU D 61 -13.75 -5.84 0.08
C GLU D 61 -12.79 -4.65 -0.11
N ASN D 62 -12.24 -4.12 0.99
CA ASN D 62 -11.33 -2.97 0.91
C ASN D 62 -10.10 -3.24 0.02
N GLU D 63 -9.49 -4.42 0.19
CA GLU D 63 -8.22 -4.78 -0.43
C GLU D 63 -8.41 -5.14 -1.91
N TYR D 64 -9.35 -6.02 -2.18
CA TYR D 64 -9.44 -6.67 -3.49
C TYR D 64 -10.51 -6.08 -4.40
N ILE D 65 -11.44 -5.30 -3.85
CA ILE D 65 -12.50 -4.72 -4.66
C ILE D 65 -12.49 -3.18 -4.59
N ILE D 66 -12.81 -2.64 -3.42
CA ILE D 66 -13.01 -1.19 -3.30
C ILE D 66 -11.69 -0.46 -3.51
N GLY D 67 -10.61 -0.96 -2.93
CA GLY D 67 -9.29 -0.40 -3.22
C GLY D 67 -9.11 -0.17 -4.72
N LEU D 68 -9.15 -1.24 -5.51
CA LEU D 68 -8.90 -1.16 -6.94
C LEU D 68 -9.84 -0.19 -7.71
N LEU D 69 -11.12 -0.25 -7.36
CA LEU D 69 -12.14 0.58 -7.97
C LEU D 69 -11.96 2.08 -7.68
N GLN D 70 -11.52 2.41 -6.46
CA GLN D 70 -11.26 3.82 -6.12
C GLN D 70 -10.13 4.36 -6.97
N GLN D 71 -9.04 3.61 -7.03
CA GLN D 71 -7.87 4.03 -7.77
C GLN D 71 -8.20 4.38 -9.23
N ARG D 72 -9.18 3.70 -9.82
CA ARG D 72 -9.56 3.95 -11.21
C ARG D 72 -10.76 4.87 -11.37
N SER D 73 -11.58 4.99 -10.34
CA SER D 73 -12.80 5.79 -10.42
C SER D 73 -12.49 7.27 -10.16
N TYR D 77 -15.82 8.40 -2.15
CA TYR D 77 -15.92 9.56 -1.25
C TYR D 77 -16.17 9.14 0.19
N ASN D 78 -17.29 8.47 0.43
CA ASN D 78 -17.58 7.96 1.76
C ASN D 78 -16.87 6.64 1.99
N VAL D 79 -15.90 6.65 2.90
CA VAL D 79 -15.16 5.44 3.20
C VAL D 79 -16.17 4.32 3.50
N HIS D 80 -15.98 3.18 2.85
CA HIS D 80 -16.89 2.04 2.96
C HIS D 80 -16.83 1.36 4.35
N LYS D 84 -17.19 0.03 13.45
CA LYS D 84 -18.38 -0.46 14.12
C LYS D 84 -18.13 -1.89 14.50
N LEU D 85 -17.47 -2.59 13.59
CA LEU D 85 -17.23 -4.01 13.79
C LEU D 85 -16.32 -4.18 14.99
N SER D 86 -15.24 -3.40 15.08
CA SER D 86 -14.32 -3.51 16.20
C SER D 86 -14.99 -3.06 17.49
N GLU D 87 -15.95 -2.16 17.37
CA GLU D 87 -16.71 -1.71 18.49
C GLU D 87 -17.59 -2.85 18.99
N MET D 88 -18.22 -3.59 18.09
CA MET D 88 -19.03 -4.72 18.48
C MET D 88 -18.13 -5.77 19.12
N LEU D 89 -17.01 -6.09 18.49
CA LEU D 89 -16.13 -7.09 19.08
C LEU D 89 -15.75 -6.68 20.52
N SER D 90 -15.41 -5.40 20.72
CA SER D 90 -15.02 -4.90 22.05
C SER D 90 -16.17 -4.99 23.06
N LEU D 91 -17.37 -4.66 22.60
CA LEU D 91 -18.56 -4.97 23.37
C LEU D 91 -18.61 -6.43 23.82
N PHE D 92 -18.45 -7.41 22.91
CA PHE D 92 -18.58 -8.82 23.29
C PHE D 92 -17.48 -9.16 24.31
N GLU D 93 -16.30 -8.60 24.08
CA GLU D 93 -15.15 -8.93 24.91
C GLU D 93 -15.38 -8.45 26.33
N LYS D 94 -15.93 -7.25 26.45
CA LYS D 94 -16.34 -6.77 27.78
C LYS D 94 -17.32 -7.76 28.42
N GLY D 95 -18.24 -8.29 27.62
CA GLY D 95 -19.15 -9.29 28.14
C GLY D 95 -18.41 -10.53 28.58
N LEU D 96 -17.39 -10.95 27.84
CA LEU D 96 -16.69 -12.17 28.18
C LEU D 96 -15.76 -11.98 29.39
N LYS D 97 -15.17 -10.79 29.51
CA LYS D 97 -14.25 -10.59 30.62
C LYS D 97 -14.82 -9.96 31.91
N ASN D 98 -15.93 -9.20 31.86
CA ASN D 98 -16.33 -8.35 33.02
C ASN D 98 -17.69 -8.68 33.62
N VAL D 99 -18.44 -9.56 32.99
CA VAL D 99 -19.73 -9.98 33.51
C VAL D 99 -19.56 -11.21 34.43
N LYS D 100 -20.06 -11.10 35.66
CA LYS D 100 -19.77 -12.07 36.70
C LYS D 100 -21.00 -12.72 37.32
N ASN D 101 -22.13 -12.03 37.30
CA ASN D 101 -23.32 -12.61 37.87
C ASN D 101 -24.55 -12.23 37.05
N GLU D 102 -25.68 -12.78 37.47
CA GLU D 102 -26.93 -12.65 36.76
C GLU D 102 -27.38 -11.18 36.67
N TYR D 103 -26.98 -10.33 37.61
CA TYR D 103 -27.43 -8.96 37.55
C TYR D 103 -26.68 -8.32 36.38
N GLU D 104 -25.38 -8.57 36.33
CA GLU D 104 -24.57 -7.96 35.30
C GLU D 104 -24.94 -8.55 33.93
N GLN D 105 -25.27 -9.83 33.92
CA GLN D 105 -25.64 -10.49 32.68
C GLN D 105 -26.93 -9.92 32.12
N LEU D 106 -27.94 -9.73 32.96
CA LEU D 106 -29.22 -9.24 32.46
C LEU D 106 -29.18 -7.75 32.08
N ASN D 107 -28.38 -6.97 32.80
CA ASN D 107 -28.14 -5.58 32.40
C ASN D 107 -27.45 -5.53 31.02
N TYR D 108 -26.38 -6.30 30.89
CA TYR D 108 -25.60 -6.40 29.65
C TYR D 108 -26.48 -6.81 28.48
N ALA D 109 -27.28 -7.84 28.67
CA ALA D 109 -28.25 -8.31 27.68
C ALA D 109 -29.05 -7.20 27.01
N LYS D 110 -29.68 -6.35 27.79
CA LYS D 110 -30.45 -5.25 27.24
C LYS D 110 -29.62 -4.41 26.26
N GLN D 111 -28.35 -4.21 26.58
CA GLN D 111 -27.48 -3.32 25.80
C GLN D 111 -27.02 -4.06 24.56
N LEU D 112 -26.65 -5.32 24.75
CA LEU D 112 -26.29 -6.23 23.65
C LEU D 112 -27.39 -6.32 22.61
N LYS D 113 -28.60 -6.63 23.04
CA LYS D 113 -29.71 -6.73 22.10
C LYS D 113 -29.89 -5.42 21.35
N GLU D 114 -29.82 -4.29 22.04
CA GLU D 114 -30.00 -2.99 21.40
C GLU D 114 -28.90 -2.72 20.34
N ARG D 115 -27.66 -3.02 20.69
CA ARG D 115 -26.56 -2.78 19.76
C ARG D 115 -26.64 -3.71 18.54
N LEU D 116 -26.93 -4.98 18.78
CA LEU D 116 -27.13 -5.94 17.71
C LEU D 116 -28.23 -5.54 16.76
N GLU D 117 -29.34 -5.04 17.29
CA GLU D 117 -30.43 -4.59 16.42
C GLU D 117 -29.99 -3.42 15.57
N ALA D 118 -29.32 -2.45 16.17
CA ALA D 118 -28.82 -1.30 15.46
C ALA D 118 -27.89 -1.77 14.34
N PHE D 119 -26.91 -2.57 14.70
CA PHE D 119 -25.95 -3.11 13.74
C PHE D 119 -26.59 -3.85 12.58
N THR D 120 -27.58 -4.70 12.88
CA THR D 120 -28.23 -5.52 11.86
C THR D 120 -29.05 -4.62 10.90
N ARG D 121 -29.70 -3.60 11.46
CA ARG D 121 -30.49 -2.64 10.65
C ARG D 121 -29.62 -1.85 9.66
N ASP D 122 -28.36 -1.62 9.99
CA ASP D 122 -27.45 -0.95 9.07
C ASP D 122 -26.65 -1.91 8.15
N PHE D 123 -26.33 -3.10 8.64
CA PHE D 123 -25.53 -4.06 7.88
C PHE D 123 -26.21 -4.51 6.59
N LEU D 124 -27.51 -4.77 6.64
CA LEU D 124 -28.19 -5.34 5.49
C LEU D 124 -28.29 -4.36 4.28
N PRO D 125 -28.69 -3.09 4.54
CA PRO D 125 -28.68 -2.06 3.50
C PRO D 125 -27.28 -1.78 2.98
N HIS D 126 -26.29 -1.85 3.85
CA HIS D 126 -24.89 -1.71 3.45
C HIS D 126 -24.53 -2.75 2.38
N MET D 127 -24.88 -4.01 2.60
CA MET D 127 -24.63 -5.06 1.61
C MET D 127 -25.43 -4.84 0.32
N LYS D 128 -26.71 -4.52 0.49
CA LYS D 128 -27.58 -4.24 -0.65
C LYS D 128 -27.06 -3.07 -1.52
N GLU D 129 -26.56 -2.03 -0.88
CA GLU D 129 -26.03 -0.88 -1.62
C GLU D 129 -24.74 -1.18 -2.42
N GLU D 130 -23.84 -1.98 -1.86
CA GLU D 130 -22.67 -2.43 -2.61
C GLU D 130 -23.10 -3.18 -3.87
N GLU D 131 -24.05 -4.09 -3.70
CA GLU D 131 -24.56 -4.86 -4.83
C GLU D 131 -25.16 -3.87 -5.83
N GLU D 132 -25.97 -2.96 -5.35
CA GLU D 132 -26.67 -2.04 -6.22
C GLU D 132 -25.78 -0.96 -6.83
N VAL D 133 -24.81 -0.44 -6.07
CA VAL D 133 -23.97 0.63 -6.59
C VAL D 133 -22.63 0.11 -7.13
N PHE D 134 -21.89 -0.67 -6.35
CA PHE D 134 -20.54 -1.02 -6.75
C PHE D 134 -20.46 -2.04 -7.87
N GLN D 135 -21.36 -3.02 -7.90
CA GLN D 135 -21.27 -4.04 -8.94
C GLN D 135 -21.35 -3.34 -10.32
N PRO D 136 -22.39 -2.51 -10.56
CA PRO D 136 -22.42 -1.82 -11.87
C PRO D 136 -21.16 -1.01 -12.14
N MET D 137 -20.64 -0.29 -11.15
CA MET D 137 -19.44 0.50 -11.36
C MET D 137 -18.24 -0.33 -11.76
N LEU D 138 -18.08 -1.51 -11.13
CA LEU D 138 -16.93 -2.38 -11.43
C LEU D 138 -16.94 -2.77 -12.89
N MET D 139 -18.14 -2.95 -13.41
CA MET D 139 -18.32 -3.38 -14.78
C MET D 139 -17.94 -2.23 -15.73
N GLU D 140 -18.19 -0.99 -15.34
CA GLU D 140 -17.68 0.15 -16.13
C GLU D 140 -16.15 0.15 -16.14
N TYR D 141 -15.55 0.13 -14.96
CA TYR D 141 -14.11 0.44 -14.82
C TYR D 141 -13.17 -0.76 -15.03
N PHE D 142 -13.74 -1.95 -15.25
CA PHE D 142 -12.94 -3.15 -15.47
C PHE D 142 -13.48 -3.92 -16.64
N THR D 143 -12.59 -4.66 -17.28
CA THR D 143 -13.02 -5.56 -18.34
C THR D 143 -13.68 -6.79 -17.71
N TYR D 144 -14.39 -7.56 -18.53
CA TYR D 144 -15.02 -8.80 -18.03
C TYR D 144 -14.01 -9.75 -17.39
N GLU D 145 -12.88 -9.99 -18.05
CA GLU D 145 -11.90 -10.91 -17.47
C GLU D 145 -11.17 -10.42 -16.19
N GLU D 146 -10.93 -9.11 -16.07
CA GLU D 146 -10.40 -8.49 -14.85
C GLU D 146 -11.32 -8.78 -13.68
N LEU D 147 -12.60 -8.53 -13.88
CA LEU D 147 -13.65 -8.82 -12.92
C LEU D 147 -13.74 -10.31 -12.54
N LYS D 148 -13.58 -11.21 -13.53
CA LYS D 148 -13.51 -12.63 -13.25
C LYS D 148 -12.32 -12.89 -12.34
N ASP D 149 -11.21 -12.19 -12.61
CA ASP D 149 -9.99 -12.36 -11.83
C ASP D 149 -10.26 -11.87 -10.39
N ILE D 150 -10.88 -10.70 -10.27
CA ILE D 150 -11.22 -10.17 -8.96
C ILE D 150 -12.13 -11.14 -8.19
N LYS D 151 -13.18 -11.66 -8.83
CA LYS D 151 -14.07 -12.57 -8.12
C LYS D 151 -13.32 -13.80 -7.64
N LYS D 152 -12.39 -14.32 -8.45
CA LYS D 152 -11.57 -15.46 -8.04
C LYS D 152 -10.80 -15.22 -6.70
N LYS D 153 -10.27 -14.02 -6.55
CA LYS D 153 -9.48 -13.71 -5.37
C LYS D 153 -10.39 -13.48 -4.21
N VAL D 154 -11.53 -12.84 -4.46
CA VAL D 154 -12.50 -12.58 -3.42
C VAL D 154 -13.08 -13.89 -2.84
N ILE D 155 -13.37 -14.83 -3.73
CA ILE D 155 -13.81 -16.13 -3.31
C ILE D 155 -12.71 -16.82 -2.51
N ALA D 156 -11.48 -16.84 -3.01
CA ALA D 156 -10.42 -17.59 -2.33
C ALA D 156 -10.24 -17.05 -0.91
N GLN D 157 -10.36 -15.74 -0.74
CA GLN D 157 -10.13 -15.11 0.57
C GLN D 157 -11.31 -15.43 1.52
N HIS D 158 -12.52 -15.46 0.97
CA HIS D 158 -13.70 -15.78 1.74
C HIS D 158 -13.86 -17.24 2.13
N CYS D 159 -13.29 -18.12 1.32
CA CYS D 159 -13.50 -19.54 1.51
C CYS D 159 -12.20 -20.31 1.72
N SER D 160 -11.11 -19.60 2.01
CA SER D 160 -9.88 -20.18 2.57
C SER D 160 -9.61 -19.60 3.95
FE1 FEO E . 9.02 -17.99 -15.56
FE2 FEO E . 10.99 -18.00 -17.99
O FEO E . 10.39 -17.15 -16.46
FE1 FEO F . 3.93 -3.48 5.97
FE2 FEO F . 4.91 -3.20 8.89
O FEO F . 4.94 -4.18 7.33
FE1 FEO G . 7.48 35.28 -5.05
FE2 FEO G . 6.38 32.62 -6.32
O FEO G . 6.30 33.86 -4.90
FE1 FEO H . -19.06 -4.06 2.98
FE2 FEO H . -20.16 -6.63 1.65
O FEO H . -20.20 -5.49 3.11
#